data_4IUI
#
_entry.id   4IUI
#
_cell.length_a   54.699
_cell.length_b   81.304
_cell.length_c   58.275
_cell.angle_alpha   90.00
_cell.angle_beta   110.07
_cell.angle_gamma   90.00
#
_symmetry.space_group_name_H-M   'P 1 21 1'
#
loop_
_entity.id
_entity.type
_entity.pdbx_description
1 polymer 'Estrogen receptor'
2 polymer 'Nuclear receptor coactivator 2'
3 non-polymer 4-[1-butyl-7-(trifluoromethyl)-1H-indazol-3-yl]benzene-1,3-diol
4 water water
#
loop_
_entity_poly.entity_id
_entity_poly.type
_entity_poly.pdbx_seq_one_letter_code
_entity_poly.pdbx_strand_id
1 'polypeptide(L)'
;KNSLALSLTADQMVSALLDAEPPILYSEYDPTRPFSEASMMGLLTNLADRELVHMINWAKRVPGFVDLTLHDQVHLLECA
WLEILMIGLVWRSMEHPGKLLFAPNLLLDRNQGKCVEGMVEIFDMLLATSSRFRMMNLQGEEFVCLKSIILLNSGVYTFL
SSTLKSLEEKDHIHRVLDKITDTLIHLMAKAGLTLQQQHQRLAQLLLILSHIRHMSNKGMEHLYSMKCKNVVPLSDLLLE
MLDAHRL
;
A,B
2 'polypeptide(L)' HKILHRLLQD C,D
#
# COMPACT_ATOMS: atom_id res chain seq x y z
N SER A 3 -4.68 27.63 -7.15
CA SER A 3 -5.04 26.88 -5.95
C SER A 3 -4.68 27.67 -4.70
N LEU A 4 -4.42 26.96 -3.61
CA LEU A 4 -4.04 27.59 -2.35
C LEU A 4 -2.98 26.77 -1.61
N ALA A 5 -3.18 25.46 -1.59
CA ALA A 5 -2.30 24.56 -0.85
C ALA A 5 -0.83 24.81 -1.15
N LEU A 6 -0.50 24.92 -2.44
CA LEU A 6 0.89 25.08 -2.85
C LEU A 6 1.50 26.37 -2.32
N SER A 7 0.65 27.31 -1.90
CA SER A 7 1.12 28.61 -1.43
C SER A 7 1.37 28.61 0.08
N LEU A 8 1.13 27.47 0.71
CA LEU A 8 1.28 27.36 2.16
C LEU A 8 2.69 26.97 2.56
N THR A 9 3.18 27.58 3.64
CA THR A 9 4.46 27.20 4.22
C THR A 9 4.27 25.91 5.01
N ALA A 10 5.37 25.30 5.43
CA ALA A 10 5.31 24.06 6.20
C ALA A 10 4.51 24.25 7.49
N ASP A 11 4.81 25.33 8.22
CA ASP A 11 4.13 25.62 9.47
C ASP A 11 2.63 25.88 9.28
N GLN A 12 2.28 26.57 8.20
CA GLN A 12 0.88 26.83 7.90
C GLN A 12 0.16 25.53 7.55
N MET A 13 0.81 24.70 6.74
CA MET A 13 0.26 23.40 6.37
C MET A 13 -0.08 22.59 7.61
N VAL A 14 0.83 22.58 8.57
CA VAL A 14 0.62 21.86 9.82
C VAL A 14 -0.53 22.46 10.59
N SER A 15 -0.58 23.78 10.66
CA SER A 15 -1.68 24.48 11.32
C SER A 15 -3.01 24.06 10.71
N ALA A 16 -3.21 24.40 9.44
CA ALA A 16 -4.43 24.06 8.73
C ALA A 16 -4.93 22.66 9.08
N LEU A 17 -4.01 21.70 9.03
CA LEU A 17 -4.36 20.31 9.34
C LEU A 17 -4.72 20.11 10.81
N LEU A 18 -3.87 20.59 11.70
CA LEU A 18 -4.08 20.41 13.12
C LEU A 18 -5.42 20.96 13.60
N ASP A 19 -5.90 22.01 12.95
CA ASP A 19 -7.17 22.62 13.33
C ASP A 19 -8.34 22.12 12.49
N ALA A 20 -8.05 21.18 11.60
CA ALA A 20 -9.11 20.51 10.84
C ALA A 20 -9.43 19.18 11.52
N GLU A 21 -8.57 18.79 12.46
CA GLU A 21 -8.74 17.54 13.19
C GLU A 21 -10.15 17.35 13.72
N PRO A 22 -10.78 16.23 13.35
CA PRO A 22 -12.09 15.87 13.88
C PRO A 22 -11.93 15.44 15.33
N PRO A 23 -13.01 15.53 16.11
CA PRO A 23 -12.93 15.16 17.53
C PRO A 23 -12.92 13.66 17.72
N ILE A 24 -12.45 13.20 18.87
CA ILE A 24 -12.51 11.80 19.23
C ILE A 24 -13.90 11.50 19.79
N LEU A 25 -14.64 10.63 19.11
CA LEU A 25 -16.02 10.34 19.49
C LEU A 25 -16.12 9.19 20.48
N TYR A 26 -17.25 9.17 21.20
CA TYR A 26 -17.49 8.13 22.20
C TYR A 26 -18.46 7.07 21.67
N SER A 27 -18.26 5.84 22.12
CA SER A 27 -19.15 4.74 21.73
C SER A 27 -20.44 4.82 22.53
N GLU A 28 -21.45 4.05 22.10
CA GLU A 28 -22.73 4.04 22.78
C GLU A 28 -22.86 2.86 23.73
N GLU A 37 -20.45 -10.42 18.55
CA GLU A 37 -20.43 -10.26 17.10
C GLU A 37 -21.48 -9.24 16.66
N ALA A 38 -22.71 -9.43 17.10
CA ALA A 38 -23.80 -8.51 16.77
C ALA A 38 -23.68 -7.23 17.59
N SER A 39 -23.19 -7.36 18.82
CA SER A 39 -23.06 -6.21 19.71
C SER A 39 -21.86 -5.36 19.32
N MET A 40 -20.71 -6.00 19.17
CA MET A 40 -19.45 -5.30 18.87
C MET A 40 -19.48 -4.57 17.53
N MET A 41 -20.07 -5.21 16.53
CA MET A 41 -20.12 -4.63 15.19
C MET A 41 -21.15 -3.51 15.07
N GLY A 42 -22.28 -3.67 15.75
CA GLY A 42 -23.25 -2.59 15.82
C GLY A 42 -22.59 -1.34 16.38
N LEU A 43 -21.65 -1.54 17.30
CA LEU A 43 -20.92 -0.46 17.91
C LEU A 43 -19.93 0.20 16.93
N LEU A 44 -19.20 -0.63 16.19
CA LEU A 44 -18.23 -0.12 15.23
C LEU A 44 -18.90 0.59 14.06
N THR A 45 -20.00 0.03 13.57
CA THR A 45 -20.73 0.63 12.46
C THR A 45 -21.39 1.94 12.89
N ASN A 46 -21.94 1.95 14.10
CA ASN A 46 -22.55 3.16 14.64
C ASN A 46 -21.50 4.26 14.83
N LEU A 47 -20.39 3.90 15.46
CA LEU A 47 -19.28 4.82 15.63
C LEU A 47 -18.76 5.30 14.27
N ALA A 48 -18.49 4.33 13.39
CA ALA A 48 -17.99 4.63 12.06
C ALA A 48 -18.92 5.60 11.32
N ASP A 49 -20.22 5.35 11.41
CA ASP A 49 -21.20 6.16 10.70
C ASP A 49 -21.15 7.62 11.14
N ARG A 50 -21.04 7.82 12.46
CA ARG A 50 -20.97 9.15 13.03
C ARG A 50 -19.66 9.86 12.70
N GLU A 51 -18.57 9.10 12.66
CA GLU A 51 -17.25 9.66 12.33
C GLU A 51 -17.18 10.09 10.86
N LEU A 52 -18.01 9.47 10.03
CA LEU A 52 -18.06 9.80 8.61
C LEU A 52 -18.47 11.25 8.38
N VAL A 53 -19.50 11.69 9.11
CA VAL A 53 -19.95 13.08 9.02
C VAL A 53 -18.79 14.02 9.32
N HIS A 54 -18.08 13.76 10.41
CA HIS A 54 -16.93 14.56 10.80
C HIS A 54 -15.79 14.45 9.78
N MET A 55 -15.67 13.30 9.14
CA MET A 55 -14.63 13.10 8.15
C MET A 55 -14.87 13.96 6.91
N ILE A 56 -16.10 13.95 6.43
CA ILE A 56 -16.48 14.73 5.26
C ILE A 56 -16.08 16.19 5.41
N ASN A 57 -16.40 16.78 6.56
CA ASN A 57 -16.13 18.19 6.81
C ASN A 57 -14.66 18.45 7.13
N TRP A 58 -13.97 17.44 7.66
CA TRP A 58 -12.54 17.54 7.88
C TRP A 58 -11.80 17.56 6.55
N ALA A 59 -12.20 16.65 5.66
CA ALA A 59 -11.57 16.52 4.35
C ALA A 59 -11.58 17.85 3.60
N LYS A 60 -12.69 18.57 3.70
CA LYS A 60 -12.81 19.87 3.03
C LYS A 60 -11.83 20.89 3.58
N ARG A 61 -11.41 20.68 4.82
CA ARG A 61 -10.44 21.57 5.46
C ARG A 61 -9.01 21.15 5.14
N VAL A 62 -8.87 20.08 4.36
CA VAL A 62 -7.56 19.65 3.89
C VAL A 62 -7.18 20.42 2.63
N PRO A 63 -6.08 21.19 2.70
CA PRO A 63 -5.66 22.07 1.61
C PRO A 63 -5.53 21.33 0.28
N GLY A 64 -6.22 21.81 -0.75
CA GLY A 64 -6.16 21.22 -2.06
C GLY A 64 -7.38 20.36 -2.37
N PHE A 65 -8.04 19.89 -1.34
CA PHE A 65 -9.21 19.03 -1.51
C PHE A 65 -10.40 19.78 -2.09
N VAL A 66 -10.62 21.01 -1.62
CA VAL A 66 -11.69 21.85 -2.14
C VAL A 66 -11.47 22.14 -3.61
N ASP A 67 -10.21 22.19 -4.02
CA ASP A 67 -9.83 22.49 -5.40
C ASP A 67 -10.28 21.38 -6.34
N LEU A 68 -10.81 20.30 -5.78
CA LEU A 68 -11.28 19.18 -6.57
C LEU A 68 -12.77 19.33 -6.86
N THR A 69 -13.19 18.83 -8.02
CA THR A 69 -14.61 18.81 -8.35
C THR A 69 -15.33 17.95 -7.32
N LEU A 70 -16.64 18.11 -7.22
CA LEU A 70 -17.42 17.30 -6.30
C LEU A 70 -17.21 15.82 -6.60
N HIS A 71 -17.23 15.47 -7.88
CA HIS A 71 -17.09 14.08 -8.32
C HIS A 71 -15.74 13.46 -7.93
N ASP A 72 -14.68 14.24 -8.01
CA ASP A 72 -13.37 13.75 -7.60
C ASP A 72 -13.29 13.62 -6.09
N GLN A 73 -13.89 14.59 -5.39
CA GLN A 73 -13.89 14.59 -3.93
C GLN A 73 -14.64 13.37 -3.39
N VAL A 74 -15.74 13.01 -4.04
CA VAL A 74 -16.51 11.83 -3.65
C VAL A 74 -15.72 10.54 -3.85
N HIS A 75 -14.91 10.49 -4.91
CA HIS A 75 -14.14 9.30 -5.22
C HIS A 75 -13.07 9.01 -4.18
N LEU A 76 -12.29 10.03 -3.82
CA LEU A 76 -11.21 9.88 -2.85
C LEU A 76 -11.72 9.42 -1.50
N LEU A 77 -12.85 9.97 -1.07
CA LEU A 77 -13.43 9.62 0.21
C LEU A 77 -13.99 8.20 0.22
N GLU A 78 -14.66 7.83 -0.86
CA GLU A 78 -15.18 6.48 -1.00
C GLU A 78 -14.04 5.48 -0.97
N CYS A 79 -12.89 5.90 -1.47
CA CYS A 79 -11.73 5.03 -1.58
C CYS A 79 -10.93 4.94 -0.28
N ALA A 80 -10.83 6.06 0.44
CA ALA A 80 -9.87 6.17 1.54
C ALA A 80 -10.49 6.14 2.95
N TRP A 81 -11.78 6.43 3.05
CA TRP A 81 -12.44 6.56 4.36
C TRP A 81 -12.06 5.50 5.41
N LEU A 82 -12.24 4.23 5.08
CA LEU A 82 -11.90 3.15 6.02
C LEU A 82 -10.41 3.19 6.39
N GLU A 83 -9.58 3.65 5.45
CA GLU A 83 -8.18 3.88 5.72
C GLU A 83 -8.03 5.04 6.70
N ILE A 84 -8.82 6.08 6.50
CA ILE A 84 -8.81 7.24 7.38
C ILE A 84 -9.20 6.84 8.81
N LEU A 85 -10.29 6.08 8.91
CA LEU A 85 -10.76 5.59 10.20
C LEU A 85 -9.69 4.74 10.89
N MET A 86 -9.06 3.85 10.13
CA MET A 86 -8.10 2.90 10.70
C MET A 86 -6.82 3.55 11.22
N ILE A 87 -6.28 4.51 10.46
CA ILE A 87 -5.06 5.18 10.90
C ILE A 87 -5.34 6.03 12.14
N GLY A 88 -6.56 6.53 12.25
CA GLY A 88 -6.99 7.26 13.42
C GLY A 88 -7.06 6.33 14.63
N LEU A 89 -7.73 5.20 14.44
CA LEU A 89 -7.85 4.18 15.48
C LEU A 89 -6.49 3.74 16.00
N VAL A 90 -5.57 3.42 15.08
CA VAL A 90 -4.23 3.02 15.45
C VAL A 90 -3.49 4.13 16.20
N TRP A 91 -3.77 5.37 15.82
CA TRP A 91 -3.21 6.53 16.49
C TRP A 91 -3.71 6.59 17.94
N ARG A 92 -5.00 6.39 18.14
CA ARG A 92 -5.60 6.42 19.47
C ARG A 92 -5.10 5.26 20.33
N SER A 93 -4.57 4.22 19.68
CA SER A 93 -4.24 2.97 20.37
C SER A 93 -2.76 2.81 20.67
N MET A 94 -1.96 3.78 20.24
CA MET A 94 -0.53 3.79 20.52
C MET A 94 -0.27 3.56 22.01
N GLU A 95 -0.81 4.45 22.84
CA GLU A 95 -0.54 4.44 24.27
C GLU A 95 -1.10 3.21 24.98
N HIS A 96 -1.97 2.48 24.30
CA HIS A 96 -2.62 1.31 24.89
C HIS A 96 -2.16 0.01 24.23
N PRO A 97 -0.87 -0.32 24.35
CA PRO A 97 -0.34 -1.55 23.78
C PRO A 97 -1.25 -2.75 24.05
N GLY A 98 -1.51 -3.56 23.03
CA GLY A 98 -2.30 -4.76 23.19
C GLY A 98 -3.79 -4.59 22.96
N LYS A 99 -4.25 -3.35 22.88
CA LYS A 99 -5.68 -3.08 22.70
C LYS A 99 -5.94 -1.93 21.73
N LEU A 100 -7.16 -1.85 21.23
CA LEU A 100 -7.55 -0.84 20.26
C LEU A 100 -8.61 0.12 20.81
N LEU A 101 -8.32 1.42 20.74
CA LEU A 101 -9.18 2.45 21.33
C LEU A 101 -10.03 3.18 20.29
N PHE A 102 -11.15 2.56 19.95
CA PHE A 102 -12.10 3.14 19.00
C PHE A 102 -12.73 4.37 19.64
N ALA A 103 -12.97 4.29 20.94
CA ALA A 103 -13.49 5.39 21.73
C ALA A 103 -12.92 5.26 23.13
N PRO A 104 -12.73 6.40 23.83
CA PRO A 104 -12.24 6.41 25.21
C PRO A 104 -13.04 5.44 26.10
N ASN A 105 -14.29 5.21 25.74
CA ASN A 105 -15.12 4.28 26.50
C ASN A 105 -15.29 2.94 25.76
N LEU A 106 -14.48 2.74 24.73
CA LEU A 106 -14.53 1.50 23.95
C LEU A 106 -13.14 0.99 23.61
N LEU A 107 -12.57 0.20 24.51
CA LEU A 107 -11.27 -0.41 24.28
C LEU A 107 -11.42 -1.92 24.22
N LEU A 108 -10.95 -2.52 23.12
CA LEU A 108 -11.16 -3.94 22.89
C LEU A 108 -9.85 -4.70 22.70
N ASP A 109 -9.78 -5.89 23.30
CA ASP A 109 -8.63 -6.77 23.14
C ASP A 109 -8.96 -7.86 22.14
N ARG A 110 -7.95 -8.60 21.70
CA ARG A 110 -8.14 -9.62 20.67
C ARG A 110 -8.99 -10.78 21.18
N ASN A 111 -9.23 -10.81 22.48
CA ASN A 111 -10.07 -11.86 23.07
C ASN A 111 -11.55 -11.64 22.79
N GLN A 112 -11.88 -10.47 22.24
CA GLN A 112 -13.26 -10.15 21.91
C GLN A 112 -13.52 -10.28 20.42
N GLY A 113 -12.50 -10.01 19.62
CA GLY A 113 -12.61 -10.10 18.17
C GLY A 113 -12.90 -11.51 17.69
N LYS A 114 -13.47 -12.32 18.59
CA LYS A 114 -13.80 -13.70 18.26
C LYS A 114 -14.85 -14.26 19.23
N MET A 119 -11.71 -11.28 11.37
CA MET A 119 -11.57 -10.05 12.13
C MET A 119 -10.33 -10.11 13.02
N VAL A 120 -10.18 -11.22 13.74
CA VAL A 120 -9.07 -11.37 14.68
C VAL A 120 -7.72 -11.10 14.02
N GLU A 121 -7.57 -11.52 12.77
CA GLU A 121 -6.33 -11.29 12.02
C GLU A 121 -6.18 -9.80 11.72
N ILE A 122 -7.28 -9.16 11.38
CA ILE A 122 -7.29 -7.73 11.12
C ILE A 122 -7.04 -6.99 12.43
N PHE A 123 -7.64 -7.49 13.50
CA PHE A 123 -7.45 -6.95 14.83
C PHE A 123 -5.95 -6.92 15.16
N ASP A 124 -5.26 -8.00 14.77
CA ASP A 124 -3.83 -8.13 15.03
C ASP A 124 -3.02 -7.14 14.19
N MET A 125 -3.32 -7.05 12.90
CA MET A 125 -2.63 -6.13 11.99
C MET A 125 -2.72 -4.69 12.48
N LEU A 126 -3.92 -4.27 12.86
CA LEU A 126 -4.12 -2.95 13.45
C LEU A 126 -3.28 -2.79 14.73
N LEU A 127 -3.18 -3.86 15.50
CA LEU A 127 -2.36 -3.88 16.70
C LEU A 127 -0.88 -3.63 16.36
N ALA A 128 -0.34 -4.50 15.50
CA ALA A 128 1.05 -4.37 15.07
C ALA A 128 1.32 -2.99 14.52
N THR A 129 0.34 -2.42 13.82
CA THR A 129 0.47 -1.11 13.22
C THR A 129 0.59 -0.02 14.28
N SER A 130 -0.17 -0.17 15.36
CA SER A 130 -0.16 0.80 16.44
C SER A 130 1.16 0.76 17.21
N SER A 131 1.66 -0.44 17.47
CA SER A 131 2.92 -0.61 18.18
C SER A 131 4.08 -0.07 17.34
N ARG A 132 3.91 -0.11 16.03
CA ARG A 132 4.93 0.42 15.12
C ARG A 132 5.02 1.93 15.27
N PHE A 133 3.87 2.58 15.37
CA PHE A 133 3.83 4.02 15.59
C PHE A 133 4.50 4.36 16.92
N ARG A 134 4.29 3.51 17.92
CA ARG A 134 4.85 3.72 19.24
C ARG A 134 6.38 3.74 19.18
N MET A 135 6.95 2.67 18.65
CA MET A 135 8.41 2.53 18.56
C MET A 135 9.02 3.69 17.77
N MET A 136 8.32 4.14 16.74
CA MET A 136 8.80 5.25 15.92
C MET A 136 8.57 6.58 16.62
N ASN A 137 7.86 6.54 17.74
CA ASN A 137 7.46 7.76 18.43
C ASN A 137 6.80 8.73 17.47
N LEU A 138 5.82 8.23 16.72
CA LEU A 138 5.08 9.04 15.77
C LEU A 138 4.43 10.23 16.46
N GLN A 139 4.65 11.42 15.91
CA GLN A 139 4.09 12.64 16.49
C GLN A 139 2.77 13.00 15.84
N GLY A 140 1.99 13.85 16.52
CA GLY A 140 0.70 14.27 16.03
C GLY A 140 0.79 14.96 14.68
N GLU A 141 1.73 15.88 14.55
CA GLU A 141 1.93 16.59 13.29
C GLU A 141 2.26 15.63 12.16
N GLU A 142 3.04 14.60 12.46
CA GLU A 142 3.37 13.57 11.48
C GLU A 142 2.10 12.80 11.10
N PHE A 143 1.29 12.49 12.09
CA PHE A 143 0.07 11.74 11.90
C PHE A 143 -0.94 12.48 11.00
N VAL A 144 -1.09 13.78 11.22
CA VAL A 144 -2.03 14.58 10.44
C VAL A 144 -1.60 14.65 8.98
N CYS A 145 -0.30 14.69 8.75
CA CYS A 145 0.25 14.69 7.40
C CYS A 145 -0.06 13.36 6.71
N LEU A 146 0.25 12.26 7.38
CA LEU A 146 0.00 10.93 6.85
C LEU A 146 -1.46 10.75 6.45
N LYS A 147 -2.37 11.24 7.28
CA LYS A 147 -3.79 11.08 7.04
C LYS A 147 -4.23 11.84 5.79
N SER A 148 -3.75 13.06 5.63
CA SER A 148 -4.06 13.86 4.45
C SER A 148 -3.50 13.20 3.20
N ILE A 149 -2.41 12.45 3.37
CA ILE A 149 -1.78 11.72 2.27
C ILE A 149 -2.68 10.58 1.80
N ILE A 150 -3.22 9.82 2.75
CA ILE A 150 -4.12 8.73 2.44
C ILE A 150 -5.34 9.20 1.66
N LEU A 151 -5.88 10.36 2.07
CA LEU A 151 -7.04 10.94 1.41
C LEU A 151 -6.76 11.26 -0.05
N LEU A 152 -5.60 11.87 -0.29
CA LEU A 152 -5.27 12.41 -1.61
C LEU A 152 -4.67 11.39 -2.57
N ASN A 153 -4.03 10.36 -2.02
CA ASN A 153 -3.29 9.41 -2.84
C ASN A 153 -4.02 8.10 -3.17
N SER A 154 -4.85 7.63 -2.25
CA SER A 154 -5.48 6.32 -2.38
C SER A 154 -6.34 6.14 -3.62
N GLY A 155 -7.15 7.13 -3.95
CA GLY A 155 -7.99 7.06 -5.14
C GLY A 155 -7.42 7.84 -6.30
N VAL A 156 -6.21 8.34 -6.11
CA VAL A 156 -5.59 9.24 -7.08
C VAL A 156 -5.45 8.64 -8.48
N TYR A 157 -5.40 7.31 -8.55
CA TYR A 157 -5.33 6.64 -9.84
C TYR A 157 -6.72 6.38 -10.42
N ILE A 173 -3.18 16.67 -7.35
CA ILE A 173 -2.85 15.79 -6.23
C ILE A 173 -1.34 15.60 -6.18
N HIS A 174 -0.76 15.38 -7.35
CA HIS A 174 0.67 15.41 -7.58
C HIS A 174 1.40 16.43 -6.70
N ARG A 175 1.23 17.70 -7.04
CA ARG A 175 1.96 18.81 -6.41
C ARG A 175 1.48 19.09 -4.99
N VAL A 176 0.25 18.69 -4.69
CA VAL A 176 -0.28 18.78 -3.33
C VAL A 176 0.41 17.75 -2.44
N LEU A 177 0.62 16.55 -2.97
CA LEU A 177 1.31 15.49 -2.23
C LEU A 177 2.78 15.80 -1.99
N ASP A 178 3.42 16.40 -2.98
CA ASP A 178 4.82 16.80 -2.84
C ASP A 178 4.95 17.78 -1.68
N LYS A 179 3.96 18.66 -1.54
CA LYS A 179 3.98 19.69 -0.51
C LYS A 179 3.98 19.09 0.90
N ILE A 180 3.13 18.10 1.12
CA ILE A 180 3.05 17.40 2.40
C ILE A 180 4.36 16.69 2.71
N THR A 181 5.03 16.21 1.65
CA THR A 181 6.33 15.58 1.80
C THR A 181 7.31 16.58 2.40
N ASP A 182 7.41 17.75 1.77
CA ASP A 182 8.24 18.82 2.30
C ASP A 182 7.87 19.08 3.76
N THR A 183 6.57 19.10 4.02
CA THR A 183 6.07 19.35 5.37
C THR A 183 6.55 18.29 6.34
N LEU A 184 6.51 17.03 5.93
CA LEU A 184 6.98 15.93 6.77
C LEU A 184 8.47 16.06 7.06
N ILE A 185 9.26 16.27 6.00
CA ILE A 185 10.68 16.49 6.16
C ILE A 185 10.93 17.71 7.05
N HIS A 186 10.16 18.76 6.81
CA HIS A 186 10.21 19.97 7.63
C HIS A 186 10.07 19.63 9.10
N LEU A 187 9.08 18.80 9.41
CA LEU A 187 8.78 18.41 10.78
C LEU A 187 9.94 17.63 11.41
N MET A 188 10.49 16.69 10.65
CA MET A 188 11.58 15.85 11.14
C MET A 188 12.84 16.67 11.37
N ALA A 189 13.13 17.58 10.46
CA ALA A 189 14.29 18.47 10.59
C ALA A 189 14.20 19.28 11.88
N LYS A 190 13.05 19.88 12.12
CA LYS A 190 12.84 20.68 13.33
C LYS A 190 12.98 19.81 14.57
N ALA A 191 12.72 18.52 14.42
CA ALA A 191 12.84 17.57 15.52
C ALA A 191 14.30 17.25 15.82
N GLY A 192 15.19 17.69 14.93
CA GLY A 192 16.62 17.56 15.16
C GLY A 192 17.27 16.40 14.43
N LEU A 193 16.51 15.75 13.55
CA LEU A 193 17.00 14.58 12.86
C LEU A 193 17.99 14.92 11.74
N THR A 194 18.96 14.04 11.53
CA THR A 194 20.00 14.24 10.52
C THR A 194 19.45 14.03 9.12
N LEU A 195 20.26 14.34 8.11
CA LEU A 195 19.84 14.19 6.72
C LEU A 195 19.43 12.76 6.40
N GLN A 196 20.24 11.80 6.83
CA GLN A 196 19.96 10.40 6.60
C GLN A 196 18.71 9.97 7.36
N GLN A 197 18.70 10.25 8.66
CA GLN A 197 17.56 9.92 9.50
C GLN A 197 16.25 10.43 8.93
N GLN A 198 16.28 11.63 8.38
CA GLN A 198 15.07 12.24 7.82
C GLN A 198 14.46 11.39 6.70
N HIS A 199 15.29 10.89 5.80
CA HIS A 199 14.78 10.20 4.62
C HIS A 199 14.39 8.73 4.86
N GLN A 200 14.94 8.12 5.91
CA GLN A 200 14.53 6.76 6.26
C GLN A 200 13.30 6.73 7.17
N ARG A 201 13.07 7.79 7.93
CA ARG A 201 11.85 7.90 8.71
C ARG A 201 10.69 8.16 7.76
N LEU A 202 10.94 9.00 6.76
CA LEU A 202 9.98 9.22 5.69
C LEU A 202 9.61 7.88 5.06
N ALA A 203 10.63 7.15 4.62
CA ALA A 203 10.43 5.84 4.01
C ALA A 203 9.61 4.93 4.91
N GLN A 204 10.07 4.75 6.14
CA GLN A 204 9.40 3.91 7.12
C GLN A 204 7.94 4.30 7.27
N LEU A 205 7.68 5.60 7.43
CA LEU A 205 6.33 6.11 7.60
C LEU A 205 5.43 5.78 6.41
N LEU A 206 5.89 6.12 5.21
CA LEU A 206 5.11 5.91 3.99
C LEU A 206 4.86 4.44 3.71
N LEU A 207 5.76 3.58 4.20
CA LEU A 207 5.65 2.15 3.99
C LEU A 207 4.44 1.57 4.73
N ILE A 208 4.06 2.23 5.82
CA ILE A 208 2.96 1.76 6.65
C ILE A 208 1.61 2.01 5.98
N LEU A 209 1.57 2.94 5.05
CA LEU A 209 0.35 3.23 4.31
C LEU A 209 -0.03 2.05 3.42
N SER A 210 0.99 1.32 2.97
CA SER A 210 0.76 0.11 2.18
C SER A 210 0.03 -0.94 3.00
N HIS A 211 0.41 -1.07 4.27
CA HIS A 211 -0.22 -2.01 5.17
C HIS A 211 -1.64 -1.57 5.51
N ILE A 212 -1.81 -0.26 5.70
CA ILE A 212 -3.11 0.30 6.00
C ILE A 212 -4.06 0.14 4.82
N ARG A 213 -3.52 0.24 3.61
CA ARG A 213 -4.28 -0.04 2.40
C ARG A 213 -4.72 -1.50 2.43
N HIS A 214 -3.84 -2.35 2.93
CA HIS A 214 -4.10 -3.78 3.02
C HIS A 214 -5.21 -4.08 4.02
N MET A 215 -5.09 -3.51 5.21
CA MET A 215 -6.08 -3.71 6.26
C MET A 215 -7.45 -3.21 5.81
N SER A 216 -7.46 -2.10 5.08
CA SER A 216 -8.70 -1.52 4.59
C SER A 216 -9.44 -2.46 3.65
N ASN A 217 -8.73 -2.97 2.66
CA ASN A 217 -9.30 -3.90 1.68
C ASN A 217 -9.86 -5.17 2.32
N LYS A 218 -9.10 -5.74 3.26
CA LYS A 218 -9.55 -6.91 4.01
C LYS A 218 -10.78 -6.56 4.83
N GLY A 219 -10.73 -5.42 5.49
CA GLY A 219 -11.86 -4.94 6.29
C GLY A 219 -13.09 -4.77 5.45
N MET A 220 -12.92 -4.18 4.26
CA MET A 220 -14.05 -3.91 3.37
C MET A 220 -14.76 -5.20 2.98
N GLU A 221 -14.00 -6.30 2.99
CA GLU A 221 -14.56 -7.62 2.70
C GLU A 221 -15.42 -8.11 3.87
N HIS A 222 -14.99 -7.79 5.09
N HIS A 222 -14.98 -7.80 5.08
CA HIS A 222 -15.74 -8.18 6.27
CA HIS A 222 -15.70 -8.15 6.30
C HIS A 222 -17.04 -7.38 6.36
C HIS A 222 -17.02 -7.38 6.37
N LEU A 223 -16.96 -6.09 6.06
CA LEU A 223 -18.14 -5.25 6.06
C LEU A 223 -19.15 -5.79 5.06
N TYR A 224 -18.66 -6.37 3.97
CA TYR A 224 -19.53 -6.86 2.91
C TYR A 224 -20.24 -8.15 3.29
N SER A 225 -19.62 -8.98 4.11
CA SER A 225 -20.23 -10.24 4.51
C SER A 225 -21.28 -10.04 5.60
N MET A 226 -21.14 -8.96 6.37
CA MET A 226 -22.13 -8.59 7.36
C MET A 226 -23.38 -8.05 6.66
N LYS A 227 -23.18 -7.51 5.46
CA LYS A 227 -24.28 -7.10 4.60
C LYS A 227 -24.56 -8.19 3.59
N CYS A 228 -23.90 -9.34 3.77
CA CYS A 228 -24.07 -10.48 2.88
C CYS A 228 -23.83 -10.10 1.42
N SER A 235 -26.71 1.36 7.93
CA SER A 235 -27.11 2.69 7.50
C SER A 235 -26.90 2.85 5.99
N ASP A 236 -27.72 3.68 5.37
CA ASP A 236 -27.66 3.89 3.93
C ASP A 236 -26.31 4.47 3.50
N LEU A 237 -25.75 5.34 4.33
CA LEU A 237 -24.46 5.94 4.02
C LEU A 237 -23.36 4.88 3.98
N LEU A 238 -23.28 4.07 5.03
CA LEU A 238 -22.26 3.04 5.12
C LEU A 238 -22.44 1.99 4.03
N LEU A 239 -23.69 1.75 3.66
CA LEU A 239 -24.01 0.81 2.59
C LEU A 239 -23.58 1.36 1.24
N GLU A 240 -23.82 2.65 1.03
CA GLU A 240 -23.43 3.31 -0.20
C GLU A 240 -21.91 3.42 -0.29
N MET A 241 -21.26 3.47 0.87
CA MET A 241 -19.82 3.53 0.94
C MET A 241 -19.23 2.19 0.53
N LEU A 242 -19.81 1.13 1.08
CA LEU A 242 -19.37 -0.24 0.80
C LEU A 242 -19.59 -0.58 -0.67
N ASP A 243 -20.79 -0.26 -1.18
CA ASP A 243 -21.12 -0.53 -2.57
C ASP A 243 -20.15 0.14 -3.53
N ALA A 244 -19.79 1.39 -3.22
CA ALA A 244 -18.84 2.13 -4.05
C ALA A 244 -17.58 1.30 -4.28
N HIS A 245 -17.17 0.57 -3.25
CA HIS A 245 -15.97 -0.25 -3.32
C HIS A 245 -16.23 -1.62 -3.95
N ARG A 246 -17.51 -1.93 -4.18
CA ARG A 246 -17.89 -3.20 -4.77
C ARG A 246 -19.30 -3.16 -5.33
N LYS B 2 -26.97 10.39 -4.28
CA LYS B 2 -25.95 9.78 -3.44
C LYS B 2 -25.66 10.69 -2.26
N ILE B 3 -25.73 10.13 -1.05
CA ILE B 3 -25.59 10.90 0.18
C ILE B 3 -24.28 11.67 0.28
N LEU B 4 -23.19 11.07 -0.21
CA LEU B 4 -21.90 11.72 -0.19
C LEU B 4 -21.93 12.99 -1.04
N HIS B 5 -22.71 12.94 -2.11
CA HIS B 5 -22.92 14.11 -2.97
C HIS B 5 -23.53 15.26 -2.17
N ARG B 6 -24.45 14.92 -1.27
CA ARG B 6 -25.14 15.93 -0.47
C ARG B 6 -24.25 16.50 0.63
N LEU B 7 -23.71 15.62 1.47
CA LEU B 7 -22.90 16.03 2.61
C LEU B 7 -21.73 16.94 2.22
N LEU B 8 -21.19 16.73 1.02
CA LEU B 8 -20.03 17.48 0.57
C LEU B 8 -20.35 18.91 0.15
N GLN B 9 -21.64 19.23 0.02
CA GLN B 9 -22.05 20.54 -0.44
C GLN B 9 -22.27 21.55 0.70
N ASP B 10 -22.87 21.08 1.79
CA ASP B 10 -23.15 21.96 2.92
C ASP B 10 -22.71 21.33 4.24
N LEU C 6 23.82 -5.58 4.68
CA LEU C 6 24.07 -4.46 5.56
C LEU C 6 25.48 -3.91 5.37
N SER C 7 26.38 -4.77 4.87
CA SER C 7 27.76 -4.38 4.64
C SER C 7 27.92 -3.75 3.26
N LEU C 8 26.94 -3.99 2.40
CA LEU C 8 27.02 -3.55 1.01
C LEU C 8 26.97 -2.05 0.83
N THR C 9 27.78 -1.55 -0.10
CA THR C 9 27.69 -0.15 -0.51
C THR C 9 26.47 0.00 -1.39
N ALA C 10 25.92 1.21 -1.44
CA ALA C 10 24.73 1.48 -2.23
C ALA C 10 24.87 0.89 -3.63
N ASP C 11 26.06 1.06 -4.22
CA ASP C 11 26.33 0.56 -5.57
C ASP C 11 26.38 -0.96 -5.60
N GLN C 12 26.96 -1.55 -4.55
CA GLN C 12 27.02 -3.00 -4.43
C GLN C 12 25.63 -3.58 -4.43
N MET C 13 24.74 -2.99 -3.63
CA MET C 13 23.35 -3.40 -3.57
C MET C 13 22.72 -3.35 -4.96
N VAL C 14 22.88 -2.19 -5.61
CA VAL C 14 22.39 -2.01 -6.97
C VAL C 14 22.85 -3.14 -7.87
N SER C 15 24.17 -3.21 -8.07
CA SER C 15 24.77 -4.24 -8.93
C SER C 15 24.27 -5.63 -8.52
N ALA C 16 24.16 -5.85 -7.22
CA ALA C 16 23.73 -7.15 -6.70
C ALA C 16 22.29 -7.47 -7.09
N LEU C 17 21.45 -6.46 -7.11
CA LEU C 17 20.04 -6.66 -7.45
C LEU C 17 19.87 -6.88 -8.95
N LEU C 18 20.63 -6.16 -9.74
CA LEU C 18 20.52 -6.22 -11.20
C LEU C 18 21.00 -7.57 -11.76
N ASP C 19 22.02 -8.14 -11.15
CA ASP C 19 22.54 -9.43 -11.59
C ASP C 19 21.65 -10.56 -11.07
N ALA C 20 20.75 -10.21 -10.14
CA ALA C 20 19.82 -11.18 -9.57
C ALA C 20 18.49 -11.12 -10.32
N GLU C 21 18.36 -10.13 -11.20
CA GLU C 21 17.14 -9.96 -11.99
C GLU C 21 16.73 -11.24 -12.69
N PRO C 22 15.43 -11.55 -12.66
CA PRO C 22 14.86 -12.73 -13.33
C PRO C 22 14.63 -12.43 -14.81
N PRO C 23 14.51 -13.48 -15.63
CA PRO C 23 14.28 -13.30 -17.07
C PRO C 23 12.83 -12.96 -17.36
N ILE C 24 12.57 -12.36 -18.52
CA ILE C 24 11.22 -12.11 -18.98
C ILE C 24 10.74 -13.30 -19.80
N LEU C 25 9.73 -14.00 -19.28
CA LEU C 25 9.26 -15.23 -19.90
C LEU C 25 8.22 -14.95 -20.99
N TYR C 26 8.08 -15.90 -21.90
CA TYR C 26 7.08 -15.80 -22.96
C TYR C 26 5.78 -16.45 -22.53
N SER C 27 4.67 -15.99 -23.10
CA SER C 27 3.39 -16.63 -22.89
C SER C 27 3.25 -17.74 -23.92
N GLU C 28 2.12 -18.44 -23.89
CA GLU C 28 1.84 -19.43 -24.91
C GLU C 28 0.80 -18.87 -25.86
N TYR C 29 0.65 -17.54 -25.83
CA TYR C 29 -0.29 -16.85 -26.70
C TYR C 29 -0.06 -17.20 -28.16
N ASP C 30 -1.10 -17.68 -28.82
CA ASP C 30 -1.03 -18.02 -30.21
C ASP C 30 -1.73 -16.93 -31.01
N PRO C 31 -0.97 -15.96 -31.55
CA PRO C 31 -1.58 -14.81 -32.23
C PRO C 31 -2.47 -15.23 -33.38
N THR C 32 -2.92 -16.48 -33.31
CA THR C 32 -3.94 -17.04 -34.19
C THR C 32 -5.27 -16.97 -33.47
N ARG C 33 -5.67 -18.11 -32.93
CA ARG C 33 -6.90 -18.24 -32.16
C ARG C 33 -7.01 -17.15 -31.09
N ALA C 38 -11.51 -16.50 -20.53
CA ALA C 38 -10.86 -17.75 -20.13
C ALA C 38 -9.53 -17.93 -20.85
N SER C 39 -9.55 -17.78 -22.16
CA SER C 39 -8.34 -17.92 -22.98
C SER C 39 -7.17 -17.14 -22.38
N MET C 40 -7.20 -15.82 -22.53
CA MET C 40 -6.13 -14.97 -22.02
C MET C 40 -5.83 -15.27 -20.56
N MET C 41 -6.88 -15.48 -19.77
CA MET C 41 -6.71 -15.77 -18.35
C MET C 41 -5.85 -17.01 -18.15
N GLY C 42 -6.00 -17.98 -19.04
CA GLY C 42 -5.17 -19.16 -19.02
C GLY C 42 -3.72 -18.76 -19.24
N LEU C 43 -3.51 -17.85 -20.18
CA LEU C 43 -2.17 -17.35 -20.49
C LEU C 43 -1.54 -16.67 -19.29
N LEU C 44 -2.34 -15.88 -18.57
CA LEU C 44 -1.85 -15.12 -17.42
C LEU C 44 -1.40 -16.01 -16.27
N THR C 45 -2.27 -16.93 -15.86
CA THR C 45 -1.97 -17.82 -14.74
C THR C 45 -0.85 -18.80 -15.07
N ASN C 46 -0.82 -19.26 -16.31
CA ASN C 46 0.25 -20.14 -16.77
C ASN C 46 1.59 -19.42 -16.71
N LEU C 47 1.61 -18.19 -17.22
CA LEU C 47 2.81 -17.37 -17.22
C LEU C 47 3.27 -17.06 -15.80
N ALA C 48 2.33 -16.67 -14.94
CA ALA C 48 2.65 -16.34 -13.56
C ALA C 48 3.31 -17.52 -12.86
N ASP C 49 2.67 -18.68 -12.94
CA ASP C 49 3.18 -19.89 -12.31
C ASP C 49 4.63 -20.15 -12.69
N ARG C 50 4.93 -20.00 -13.97
CA ARG C 50 6.29 -20.24 -14.47
C ARG C 50 7.27 -19.19 -13.99
N GLU C 51 6.81 -17.95 -13.84
CA GLU C 51 7.65 -16.86 -13.34
C GLU C 51 7.99 -17.07 -11.87
N LEU C 52 7.06 -17.66 -11.13
CA LEU C 52 7.22 -17.87 -9.70
C LEU C 52 8.53 -18.57 -9.37
N VAL C 53 8.84 -19.63 -10.12
CA VAL C 53 10.07 -20.37 -9.91
C VAL C 53 11.29 -19.46 -9.98
N HIS C 54 11.23 -18.50 -10.90
CA HIS C 54 12.33 -17.53 -11.06
C HIS C 54 12.31 -16.50 -9.93
N MET C 55 11.10 -16.13 -9.49
CA MET C 55 10.96 -15.16 -8.41
C MET C 55 11.56 -15.71 -7.12
N ILE C 56 11.39 -17.01 -6.89
CA ILE C 56 11.91 -17.65 -5.69
C ILE C 56 13.43 -17.55 -5.63
N ASN C 57 14.09 -17.96 -6.71
CA ASN C 57 15.55 -17.94 -6.76
C ASN C 57 16.12 -16.53 -6.93
N TRP C 58 15.25 -15.58 -7.30
CA TRP C 58 15.64 -14.18 -7.33
C TRP C 58 15.54 -13.60 -5.93
N ALA C 59 14.51 -14.03 -5.20
CA ALA C 59 14.27 -13.55 -3.84
C ALA C 59 15.41 -13.94 -2.92
N LYS C 60 16.00 -15.11 -3.16
CA LYS C 60 17.12 -15.59 -2.35
C LYS C 60 18.39 -14.83 -2.69
N ARG C 61 18.37 -14.12 -3.81
CA ARG C 61 19.50 -13.31 -4.23
C ARG C 61 19.30 -11.84 -3.85
N VAL C 62 18.25 -11.60 -3.06
CA VAL C 62 18.03 -10.29 -2.46
C VAL C 62 18.71 -10.25 -1.11
N PRO C 63 19.61 -9.26 -0.91
CA PRO C 63 20.36 -9.14 0.34
C PRO C 63 19.44 -9.13 1.55
N GLY C 64 19.73 -9.98 2.52
CA GLY C 64 18.96 -10.03 3.75
C GLY C 64 17.92 -11.13 3.77
N PHE C 65 17.41 -11.49 2.60
CA PHE C 65 16.34 -12.49 2.52
C PHE C 65 16.83 -13.86 2.99
N VAL C 66 18.07 -14.19 2.70
CA VAL C 66 18.64 -15.47 3.10
C VAL C 66 18.78 -15.58 4.62
N ASP C 67 19.01 -14.45 5.27
CA ASP C 67 19.23 -14.43 6.71
C ASP C 67 17.99 -14.86 7.50
N LEU C 68 16.84 -14.87 6.84
CA LEU C 68 15.59 -15.21 7.48
C LEU C 68 15.36 -16.71 7.55
N THR C 69 14.62 -17.16 8.56
CA THR C 69 14.21 -18.55 8.65
C THR C 69 13.33 -18.89 7.46
N LEU C 70 13.44 -20.12 6.99
CA LEU C 70 12.60 -20.60 5.88
C LEU C 70 11.17 -20.13 6.08
N HIS C 71 10.64 -20.35 7.28
CA HIS C 71 9.26 -20.02 7.61
C HIS C 71 8.89 -18.57 7.26
N ASP C 72 9.75 -17.63 7.60
CA ASP C 72 9.48 -16.23 7.30
C ASP C 72 9.55 -15.95 5.81
N GLN C 73 10.51 -16.58 5.14
CA GLN C 73 10.69 -16.38 3.70
C GLN C 73 9.46 -16.84 2.93
N VAL C 74 8.85 -17.94 3.37
CA VAL C 74 7.66 -18.45 2.71
C VAL C 74 6.53 -17.42 2.80
N HIS C 75 6.29 -16.93 4.02
CA HIS C 75 5.23 -15.96 4.26
C HIS C 75 5.42 -14.71 3.40
N LEU C 76 6.66 -14.24 3.31
CA LEU C 76 6.98 -13.04 2.53
C LEU C 76 6.67 -13.21 1.05
N LEU C 77 7.02 -14.37 0.50
CA LEU C 77 6.72 -14.67 -0.89
C LEU C 77 5.22 -14.88 -1.11
N GLU C 78 4.56 -15.51 -0.15
CA GLU C 78 3.12 -15.71 -0.20
C GLU C 78 2.40 -14.36 -0.26
N CYS C 79 2.92 -13.39 0.48
CA CYS C 79 2.30 -12.08 0.57
C CYS C 79 2.55 -11.21 -0.66
N ALA C 80 3.76 -11.31 -1.22
CA ALA C 80 4.23 -10.32 -2.18
C ALA C 80 4.25 -10.76 -3.64
N TRP C 81 4.05 -12.04 -3.91
CA TRP C 81 4.25 -12.56 -5.27
C TRP C 81 3.52 -11.79 -6.37
N LEU C 82 2.24 -11.49 -6.16
CA LEU C 82 1.47 -10.76 -7.17
C LEU C 82 1.85 -9.30 -7.26
N GLU C 83 2.26 -8.71 -6.13
CA GLU C 83 2.76 -7.34 -6.14
C GLU C 83 4.05 -7.29 -6.95
N ILE C 84 4.85 -8.34 -6.84
CA ILE C 84 6.12 -8.41 -7.54
C ILE C 84 5.91 -8.58 -9.04
N LEU C 85 5.03 -9.51 -9.40
CA LEU C 85 4.68 -9.73 -10.81
C LEU C 85 4.13 -8.44 -11.43
N MET C 86 3.23 -7.78 -10.70
CA MET C 86 2.57 -6.57 -11.22
C MET C 86 3.54 -5.42 -11.47
N ILE C 87 4.48 -5.20 -10.55
CA ILE C 87 5.46 -4.13 -10.74
C ILE C 87 6.42 -4.48 -11.88
N GLY C 88 6.70 -5.78 -12.03
CA GLY C 88 7.49 -6.26 -13.13
C GLY C 88 6.79 -5.96 -14.44
N LEU C 89 5.53 -6.36 -14.52
CA LEU C 89 4.70 -6.08 -15.69
C LEU C 89 4.71 -4.60 -16.04
N VAL C 90 4.35 -3.76 -15.07
CA VAL C 90 4.28 -2.32 -15.28
C VAL C 90 5.61 -1.72 -15.73
N TRP C 91 6.72 -2.26 -15.23
CA TRP C 91 8.04 -1.83 -15.66
C TRP C 91 8.22 -2.12 -17.15
N ARG C 92 7.95 -3.36 -17.54
CA ARG C 92 8.01 -3.76 -18.93
C ARG C 92 7.06 -2.91 -19.77
N SER C 93 5.87 -2.66 -19.22
CA SER C 93 4.79 -2.02 -19.95
C SER C 93 4.99 -0.52 -20.14
N MET C 94 6.12 0.00 -19.66
CA MET C 94 6.49 1.38 -19.97
C MET C 94 6.69 1.48 -21.47
N GLU C 95 7.01 2.68 -21.95
CA GLU C 95 7.17 2.93 -23.38
C GLU C 95 6.21 2.12 -24.25
N HIS C 96 5.18 1.57 -23.62
CA HIS C 96 4.11 0.89 -24.34
C HIS C 96 2.78 1.53 -23.97
N PRO C 97 2.67 2.84 -24.19
CA PRO C 97 1.51 3.65 -23.78
C PRO C 97 0.19 3.02 -24.21
N GLY C 98 -0.67 2.73 -23.23
CA GLY C 98 -1.99 2.20 -23.51
C GLY C 98 -2.04 0.69 -23.61
N LYS C 99 -0.91 0.04 -23.37
CA LYS C 99 -0.82 -1.41 -23.48
C LYS C 99 -0.02 -2.06 -22.36
N LEU C 100 -0.42 -3.27 -21.99
CA LEU C 100 0.29 -4.04 -20.97
C LEU C 100 1.10 -5.16 -21.60
N LEU C 101 2.41 -5.17 -21.34
CA LEU C 101 3.30 -6.17 -21.89
C LEU C 101 3.50 -7.32 -20.92
N PHE C 102 2.53 -8.22 -20.85
CA PHE C 102 2.64 -9.39 -20.00
C PHE C 102 3.79 -10.29 -20.48
N ALA C 103 4.04 -10.25 -21.78
CA ALA C 103 5.15 -10.97 -22.39
C ALA C 103 5.52 -10.32 -23.70
N PRO C 104 6.75 -10.55 -24.18
CA PRO C 104 7.16 -10.01 -25.47
C PRO C 104 6.20 -10.43 -26.58
N ASN C 105 5.52 -11.55 -26.37
CA ASN C 105 4.57 -12.07 -27.36
C ASN C 105 3.11 -11.84 -26.93
N LEU C 106 2.92 -11.02 -25.91
CA LEU C 106 1.57 -10.79 -25.39
C LEU C 106 1.38 -9.34 -24.97
N LEU C 107 1.22 -8.46 -25.96
CA LEU C 107 1.00 -7.04 -25.70
C LEU C 107 -0.47 -6.69 -25.91
N LEU C 108 -1.12 -6.20 -24.86
CA LEU C 108 -2.58 -6.00 -24.90
C LEU C 108 -3.04 -4.57 -24.62
N ASP C 109 -4.23 -4.25 -25.10
CA ASP C 109 -4.92 -3.01 -24.78
C ASP C 109 -6.07 -3.33 -23.84
N ARG C 110 -6.62 -2.31 -23.19
CA ARG C 110 -7.72 -2.50 -22.24
C ARG C 110 -8.94 -3.11 -22.92
N MET C 119 -12.65 -6.85 -14.45
CA MET C 119 -11.19 -6.94 -14.34
C MET C 119 -10.52 -5.85 -15.16
N VAL C 120 -11.29 -5.22 -16.03
CA VAL C 120 -10.77 -4.12 -16.84
C VAL C 120 -10.29 -2.97 -15.96
N GLU C 121 -10.87 -2.87 -14.77
CA GLU C 121 -10.46 -1.87 -13.80
C GLU C 121 -9.03 -2.13 -13.36
N ILE C 122 -8.74 -3.38 -13.01
CA ILE C 122 -7.40 -3.79 -12.66
C ILE C 122 -6.45 -3.41 -13.78
N PHE C 123 -6.86 -3.69 -15.01
CA PHE C 123 -6.06 -3.38 -16.19
C PHE C 123 -5.78 -1.88 -16.26
N ASP C 124 -6.80 -1.08 -15.99
CA ASP C 124 -6.68 0.37 -16.04
C ASP C 124 -5.76 0.92 -14.95
N MET C 125 -5.78 0.29 -13.78
CA MET C 125 -4.89 0.69 -12.70
C MET C 125 -3.45 0.32 -13.03
N LEU C 126 -3.26 -0.82 -13.67
CA LEU C 126 -1.94 -1.21 -14.16
C LEU C 126 -1.47 -0.20 -15.20
N LEU C 127 -2.36 0.15 -16.12
CA LEU C 127 -2.07 1.16 -17.12
C LEU C 127 -1.64 2.48 -16.48
N ALA C 128 -2.46 2.97 -15.56
CA ALA C 128 -2.17 4.23 -14.87
C ALA C 128 -0.81 4.16 -14.18
N THR C 129 -0.56 3.07 -13.46
CA THR C 129 0.69 2.90 -12.72
C THR C 129 1.90 2.97 -13.64
N SER C 130 1.87 2.17 -14.71
CA SER C 130 2.96 2.17 -15.68
C SER C 130 3.20 3.57 -16.22
N SER C 131 2.12 4.29 -16.51
CA SER C 131 2.21 5.63 -17.04
C SER C 131 2.99 6.55 -16.09
N ARG C 132 2.80 6.35 -14.80
CA ARG C 132 3.49 7.14 -13.79
C ARG C 132 5.02 6.96 -13.86
N PHE C 133 5.47 5.71 -13.90
CA PHE C 133 6.90 5.43 -13.99
C PHE C 133 7.48 6.04 -15.25
N ARG C 134 6.70 6.05 -16.32
CA ARG C 134 7.11 6.66 -17.57
C ARG C 134 7.37 8.15 -17.37
N MET C 135 6.34 8.87 -16.93
CA MET C 135 6.43 10.31 -16.73
C MET C 135 7.45 10.67 -15.64
N MET C 136 7.65 9.75 -14.70
CA MET C 136 8.65 9.95 -13.66
C MET C 136 10.04 9.66 -14.19
N ASN C 137 10.09 8.99 -15.35
CA ASN C 137 11.35 8.58 -15.95
C ASN C 137 12.05 7.55 -15.08
N LEU C 138 11.26 6.65 -14.48
CA LEU C 138 11.78 5.64 -13.58
C LEU C 138 12.97 4.90 -14.19
N GLN C 139 14.00 4.67 -13.37
CA GLN C 139 15.21 4.02 -13.83
C GLN C 139 15.33 2.59 -13.32
N GLY C 140 16.05 1.76 -14.07
CA GLY C 140 16.20 0.35 -13.75
C GLY C 140 16.75 0.09 -12.36
N GLU C 141 17.72 0.90 -11.94
CA GLU C 141 18.27 0.77 -10.59
C GLU C 141 17.21 1.09 -9.55
N GLU C 142 16.38 2.07 -9.84
CA GLU C 142 15.28 2.43 -8.95
C GLU C 142 14.26 1.31 -8.88
N PHE C 143 14.03 0.67 -10.02
CA PHE C 143 13.04 -0.39 -10.13
C PHE C 143 13.36 -1.58 -9.22
N VAL C 144 14.61 -2.01 -9.24
CA VAL C 144 15.03 -3.19 -8.49
C VAL C 144 15.03 -2.94 -6.98
N CYS C 145 15.18 -1.67 -6.59
CA CYS C 145 15.08 -1.32 -5.18
C CYS C 145 13.64 -1.46 -4.71
N LEU C 146 12.74 -0.84 -5.45
CA LEU C 146 11.31 -0.90 -5.15
C LEU C 146 10.84 -2.35 -5.02
N LYS C 147 11.23 -3.18 -5.97
CA LYS C 147 10.83 -4.58 -5.98
C LYS C 147 11.36 -5.30 -4.74
N SER C 148 12.59 -5.00 -4.36
CA SER C 148 13.19 -5.58 -3.16
C SER C 148 12.47 -5.10 -1.90
N ILE C 149 11.96 -3.87 -1.96
CA ILE C 149 11.17 -3.31 -0.86
C ILE C 149 9.89 -4.11 -0.68
N ILE C 150 9.09 -4.17 -1.74
CA ILE C 150 7.83 -4.90 -1.72
C ILE C 150 7.96 -6.28 -1.11
N LEU C 151 9.05 -6.98 -1.45
CA LEU C 151 9.30 -8.31 -0.92
C LEU C 151 9.49 -8.30 0.59
N LEU C 152 10.21 -7.30 1.07
CA LEU C 152 10.57 -7.22 2.48
C LEU C 152 9.50 -6.52 3.33
N ASN C 153 8.63 -5.75 2.68
CA ASN C 153 7.66 -4.95 3.42
C ASN C 153 6.22 -5.47 3.36
N SER C 154 5.89 -6.18 2.28
CA SER C 154 4.53 -6.65 2.07
C SER C 154 3.95 -7.41 3.26
N GLY C 155 4.75 -8.28 3.87
CA GLY C 155 4.26 -9.12 4.95
C GLY C 155 5.05 -9.03 6.25
N VAL C 156 5.82 -7.96 6.42
CA VAL C 156 6.61 -7.80 7.64
C VAL C 156 5.72 -7.58 8.87
N TYR C 157 4.53 -7.03 8.63
CA TYR C 157 3.60 -6.74 9.72
C TYR C 157 2.67 -7.91 9.99
N THR C 158 2.43 -8.73 8.97
CA THR C 158 1.50 -9.85 9.10
C THR C 158 2.10 -10.98 9.95
N GLU C 168 13.86 -11.39 16.90
CA GLU C 168 14.63 -10.27 16.37
C GLU C 168 14.84 -10.43 14.87
N GLU C 169 13.75 -10.65 14.13
CA GLU C 169 13.85 -10.94 12.70
C GLU C 169 13.24 -9.83 11.84
N LYS C 170 12.29 -9.10 12.42
CA LYS C 170 11.69 -7.97 11.74
C LYS C 170 12.60 -6.76 11.86
N ASP C 171 13.08 -6.51 13.07
CA ASP C 171 14.07 -5.48 13.31
C ASP C 171 15.10 -5.56 12.18
N HIS C 172 15.50 -6.79 11.87
CA HIS C 172 16.51 -7.05 10.85
C HIS C 172 16.01 -6.64 9.45
N ILE C 173 14.70 -6.69 9.25
CA ILE C 173 14.08 -6.33 7.99
C ILE C 173 14.08 -4.82 7.79
N HIS C 174 13.85 -4.09 8.87
CA HIS C 174 13.79 -2.63 8.83
C HIS C 174 15.14 -2.02 8.48
N ARG C 175 16.20 -2.57 9.05
CA ARG C 175 17.56 -2.13 8.80
C ARG C 175 17.91 -2.33 7.32
N VAL C 176 17.54 -3.48 6.79
CA VAL C 176 17.68 -3.76 5.37
C VAL C 176 16.83 -2.77 4.58
N LEU C 177 15.59 -2.56 5.05
CA LEU C 177 14.68 -1.60 4.43
C LEU C 177 15.27 -0.18 4.49
N ASP C 178 15.87 0.16 5.62
CA ASP C 178 16.57 1.43 5.75
C ASP C 178 17.75 1.49 4.78
N LYS C 179 18.44 0.37 4.63
CA LYS C 179 19.60 0.30 3.75
C LYS C 179 19.20 0.46 2.29
N ILE C 180 18.06 -0.10 1.91
CA ILE C 180 17.56 0.03 0.56
C ILE C 180 17.07 1.46 0.30
N THR C 181 16.67 2.14 1.37
CA THR C 181 16.25 3.53 1.28
C THR C 181 17.48 4.43 1.08
N ASP C 182 18.57 4.09 1.76
CA ASP C 182 19.81 4.83 1.57
C ASP C 182 20.30 4.68 0.15
N THR C 183 19.98 3.54 -0.46
CA THR C 183 20.36 3.28 -1.85
C THR C 183 19.60 4.21 -2.80
N LEU C 184 18.28 4.17 -2.71
CA LEU C 184 17.42 5.02 -3.53
C LEU C 184 17.90 6.47 -3.52
N ILE C 185 18.03 7.03 -2.32
CA ILE C 185 18.56 8.38 -2.17
C ILE C 185 19.88 8.53 -2.93
N HIS C 186 20.81 7.62 -2.66
CA HIS C 186 22.10 7.62 -3.32
C HIS C 186 21.96 7.75 -4.83
N LEU C 187 21.05 6.97 -5.41
CA LEU C 187 20.78 7.01 -6.84
C LEU C 187 20.30 8.40 -7.27
N MET C 188 19.37 8.96 -6.50
CA MET C 188 18.79 10.26 -6.81
C MET C 188 19.81 11.38 -6.65
N ALA C 189 20.69 11.24 -5.67
CA ALA C 189 21.76 12.20 -5.45
C ALA C 189 22.69 12.20 -6.66
N LYS C 190 22.96 11.01 -7.19
CA LYS C 190 23.80 10.85 -8.36
C LYS C 190 23.11 11.40 -9.60
N ALA C 191 21.78 11.36 -9.60
CA ALA C 191 20.99 11.82 -10.74
C ALA C 191 20.98 13.34 -10.84
N GLY C 192 21.52 14.01 -9.83
CA GLY C 192 21.63 15.46 -9.83
C GLY C 192 20.43 16.14 -9.20
N LEU C 193 19.56 15.36 -8.58
CA LEU C 193 18.39 15.92 -7.90
C LEU C 193 18.78 16.59 -6.59
N THR C 194 18.24 17.78 -6.36
CA THR C 194 18.40 18.44 -5.07
C THR C 194 17.72 17.60 -4.00
N LEU C 195 18.14 17.79 -2.75
CA LEU C 195 17.60 17.04 -1.62
C LEU C 195 16.07 17.06 -1.57
N GLN C 196 15.49 18.25 -1.66
CA GLN C 196 14.03 18.38 -1.68
C GLN C 196 13.47 17.46 -2.77
N GLN C 197 14.22 17.32 -3.85
CA GLN C 197 13.79 16.52 -5.00
C GLN C 197 13.87 15.03 -4.67
N GLN C 198 14.96 14.61 -4.02
CA GLN C 198 15.10 13.22 -3.62
C GLN C 198 14.01 12.82 -2.64
N HIS C 199 13.74 13.70 -1.68
CA HIS C 199 12.68 13.49 -0.71
C HIS C 199 11.33 13.30 -1.42
N GLN C 200 11.02 14.20 -2.34
CA GLN C 200 9.75 14.16 -3.07
C GLN C 200 9.64 12.94 -3.97
N ARG C 201 10.70 12.69 -4.75
CA ARG C 201 10.73 11.54 -5.64
C ARG C 201 10.64 10.24 -4.83
N LEU C 202 11.35 10.19 -3.71
CA LEU C 202 11.31 9.02 -2.82
C LEU C 202 9.90 8.74 -2.33
N ALA C 203 9.16 9.82 -2.04
CA ALA C 203 7.80 9.73 -1.55
C ALA C 203 6.87 9.20 -2.65
N GLN C 204 6.99 9.78 -3.84
CA GLN C 204 6.15 9.39 -4.97
C GLN C 204 6.24 7.89 -5.23
N LEU C 205 7.46 7.37 -5.25
CA LEU C 205 7.69 5.96 -5.50
C LEU C 205 7.02 5.09 -4.44
N LEU C 206 7.24 5.43 -3.18
CA LEU C 206 6.68 4.66 -2.07
C LEU C 206 5.15 4.75 -2.04
N LEU C 207 4.62 5.92 -2.36
CA LEU C 207 3.18 6.10 -2.43
C LEU C 207 2.59 5.18 -3.49
N ILE C 208 3.35 4.97 -4.56
CA ILE C 208 2.91 4.13 -5.66
C ILE C 208 2.82 2.66 -5.24
N LEU C 209 3.63 2.27 -4.26
CA LEU C 209 3.61 0.90 -3.76
C LEU C 209 2.31 0.62 -3.05
N SER C 210 1.68 1.66 -2.51
CA SER C 210 0.39 1.51 -1.84
C SER C 210 -0.67 1.07 -2.84
N HIS C 211 -0.64 1.66 -4.02
CA HIS C 211 -1.60 1.34 -5.06
C HIS C 211 -1.32 -0.05 -5.63
N ILE C 212 -0.05 -0.44 -5.64
CA ILE C 212 0.32 -1.77 -6.08
C ILE C 212 -0.19 -2.82 -5.09
N ARG C 213 -0.27 -2.44 -3.82
CA ARG C 213 -0.85 -3.29 -2.80
C ARG C 213 -2.33 -3.49 -3.09
N HIS C 214 -2.99 -2.39 -3.44
CA HIS C 214 -4.41 -2.40 -3.72
C HIS C 214 -4.71 -3.28 -4.92
N MET C 215 -3.94 -3.11 -5.98
CA MET C 215 -4.11 -3.93 -7.19
C MET C 215 -3.96 -5.41 -6.87
N SER C 216 -2.99 -5.73 -6.02
CA SER C 216 -2.76 -7.12 -5.62
C SER C 216 -3.98 -7.69 -4.91
N ASN C 217 -4.46 -6.98 -3.90
CA ASN C 217 -5.62 -7.42 -3.14
C ASN C 217 -6.81 -7.73 -4.04
N LYS C 218 -7.06 -6.86 -5.01
CA LYS C 218 -8.13 -7.06 -5.96
C LYS C 218 -7.86 -8.26 -6.85
N GLY C 219 -6.60 -8.41 -7.26
CA GLY C 219 -6.19 -9.54 -8.08
C GLY C 219 -6.49 -10.84 -7.38
N MET C 220 -6.05 -10.97 -6.13
CA MET C 220 -6.30 -12.17 -5.35
C MET C 220 -7.77 -12.53 -5.32
N GLU C 221 -8.63 -11.51 -5.26
CA GLU C 221 -10.08 -11.73 -5.21
C GLU C 221 -10.58 -12.37 -6.50
N HIS C 222 -10.20 -11.81 -7.64
CA HIS C 222 -10.58 -12.38 -8.93
C HIS C 222 -10.00 -13.77 -9.10
N LEU C 223 -8.73 -13.92 -8.73
CA LEU C 223 -8.07 -15.23 -8.78
C LEU C 223 -8.84 -16.23 -7.93
N TYR C 224 -9.52 -15.75 -6.90
CA TYR C 224 -10.30 -16.63 -6.03
C TYR C 224 -11.59 -17.05 -6.72
N SER C 225 -12.23 -16.12 -7.44
CA SER C 225 -13.44 -16.45 -8.16
C SER C 225 -13.16 -17.51 -9.23
N MET C 226 -12.03 -17.35 -9.91
CA MET C 226 -11.66 -18.27 -10.99
C MET C 226 -11.53 -19.72 -10.52
N LYS C 227 -11.08 -19.93 -9.29
CA LYS C 227 -11.03 -21.28 -8.74
C LYS C 227 -12.44 -21.82 -8.63
N CYS C 228 -13.27 -21.14 -7.84
CA CYS C 228 -14.66 -21.52 -7.66
C CYS C 228 -15.37 -21.56 -9.02
N LYS C 229 -14.72 -20.97 -10.03
CA LYS C 229 -15.24 -21.00 -11.38
C LYS C 229 -14.80 -22.29 -12.06
N ASN C 230 -13.65 -22.80 -11.62
CA ASN C 230 -13.05 -24.00 -12.20
C ASN C 230 -13.08 -24.03 -13.72
N VAL C 231 -13.24 -22.86 -14.33
CA VAL C 231 -13.04 -22.71 -15.76
C VAL C 231 -11.57 -22.39 -15.98
N VAL C 232 -11.11 -21.35 -15.30
CA VAL C 232 -9.70 -21.01 -15.27
C VAL C 232 -8.90 -22.18 -14.70
N PRO C 233 -7.71 -22.44 -15.26
CA PRO C 233 -6.83 -23.55 -14.87
C PRO C 233 -5.68 -23.12 -13.95
N LEU C 234 -5.93 -23.16 -12.64
CA LEU C 234 -4.91 -22.81 -11.66
C LEU C 234 -3.92 -23.95 -11.43
N SER C 235 -2.63 -23.63 -11.38
CA SER C 235 -1.60 -24.62 -11.08
C SER C 235 -1.55 -24.87 -9.58
N ASP C 236 -1.10 -26.05 -9.17
CA ASP C 236 -1.07 -26.42 -7.77
C ASP C 236 -0.34 -25.40 -6.88
N LEU C 237 0.69 -24.77 -7.43
CA LEU C 237 1.45 -23.77 -6.70
C LEU C 237 0.67 -22.47 -6.57
N LEU C 238 -0.12 -22.15 -7.59
CA LEU C 238 -0.91 -20.94 -7.61
C LEU C 238 -2.05 -21.04 -6.60
N LEU C 239 -2.56 -22.26 -6.42
CA LEU C 239 -3.64 -22.50 -5.48
C LEU C 239 -3.13 -22.48 -4.03
N GLU C 240 -1.92 -22.98 -3.83
CA GLU C 240 -1.30 -22.94 -2.50
C GLU C 240 -0.99 -21.51 -2.08
N MET C 241 -0.63 -20.67 -3.04
CA MET C 241 -0.42 -19.26 -2.77
C MET C 241 -1.76 -18.62 -2.41
N LEU C 242 -2.77 -18.89 -3.22
CA LEU C 242 -4.10 -18.34 -3.02
C LEU C 242 -4.72 -18.76 -1.69
N ASP C 243 -4.42 -19.97 -1.24
CA ASP C 243 -4.98 -20.46 0.03
C ASP C 243 -4.25 -19.90 1.25
N ALA C 244 -3.02 -19.43 1.07
CA ALA C 244 -2.30 -18.74 2.12
C ALA C 244 -2.98 -17.41 2.39
N HIS C 245 -3.27 -16.69 1.31
CA HIS C 245 -3.97 -15.41 1.39
C HIS C 245 -5.42 -15.58 1.81
N ARG C 246 -5.83 -16.84 2.03
CA ARG C 246 -7.21 -17.13 2.38
C ARG C 246 -8.11 -17.02 1.16
N LEU C 247 -8.65 -15.82 0.95
CA LEU C 247 -9.59 -15.58 -0.14
C LEU C 247 -8.83 -15.32 -1.45
N LYS D 2 4.31 -28.72 0.97
CA LYS D 2 4.38 -27.28 0.82
C LYS D 2 5.36 -26.91 -0.30
N ILE D 3 4.81 -26.63 -1.48
CA ILE D 3 5.63 -26.36 -2.66
C ILE D 3 6.59 -25.19 -2.46
N LEU D 4 6.06 -24.04 -2.03
CA LEU D 4 6.87 -22.84 -1.87
C LEU D 4 7.99 -23.03 -0.85
N HIS D 5 7.75 -23.86 0.15
CA HIS D 5 8.76 -24.13 1.17
C HIS D 5 9.91 -24.94 0.58
N ARG D 6 9.54 -26.00 -0.13
CA ARG D 6 10.49 -26.92 -0.75
C ARG D 6 11.45 -26.17 -1.70
N LEU D 7 10.87 -25.60 -2.76
CA LEU D 7 11.65 -24.91 -3.79
C LEU D 7 12.58 -23.84 -3.23
N LEU D 8 12.24 -23.32 -2.05
CA LEU D 8 13.09 -22.37 -1.36
C LEU D 8 14.23 -23.11 -0.68
N GLN D 9 13.93 -24.31 -0.19
CA GLN D 9 14.94 -25.17 0.41
C GLN D 9 16.00 -25.55 -0.62
N ASP D 10 15.55 -25.85 -1.84
CA ASP D 10 16.46 -26.19 -2.93
C ASP D 10 17.36 -25.02 -3.28
#